data_1RW1
#
_entry.id   1RW1
#
_cell.length_a   87.450
_cell.length_b   43.250
_cell.length_c   29.060
_cell.angle_alpha   90.00
_cell.angle_beta   93.50
_cell.angle_gamma   90.00
#
_symmetry.space_group_name_H-M   'C 1 2 1'
#
loop_
_entity.id
_entity.type
_entity.pdbx_description
1 polymer 'conserved hypothetical protein yffB'
2 non-polymer 'ISOPROPYL ALCOHOL'
3 water water
#
_entity_poly.entity_id   1
_entity_poly.type   'polypeptide(L)'
_entity_poly.pdbx_seq_one_letter_code
;TYVLYGIKACDT(MSE)KKARTWLDEHKVAYDFHDYKAVGIDREHLRRWCAEHGWQTVLNRAGTTFRKLDEAQKADLDEA
KAIEL(MSE)LAQPS(MSE)IKRPVLELGGRTLVGFKPDAYAAALA
;
_entity_poly.pdbx_strand_id   A
#
loop_
_chem_comp.id
_chem_comp.type
_chem_comp.name
_chem_comp.formula
IPA non-polymer 'ISOPROPYL ALCOHOL' 'C3 H8 O'
#
# COMPACT_ATOMS: atom_id res chain seq x y z
N THR A 1 -2.49 -14.39 -10.40
CA THR A 1 -3.54 -13.53 -9.79
C THR A 1 -2.98 -12.18 -9.37
N TYR A 2 -3.50 -11.10 -9.94
CA TYR A 2 -3.17 -9.77 -9.48
C TYR A 2 -3.95 -9.48 -8.19
N VAL A 3 -3.31 -8.76 -7.28
CA VAL A 3 -3.93 -8.46 -5.98
C VAL A 3 -3.74 -6.99 -5.67
N LEU A 4 -4.84 -6.30 -5.39
CA LEU A 4 -4.86 -4.89 -5.05
C LEU A 4 -5.13 -4.77 -3.55
N TYR A 5 -4.27 -4.04 -2.84
CA TYR A 5 -4.33 -3.90 -1.38
C TYR A 5 -4.69 -2.47 -1.03
N GLY A 6 -5.68 -2.31 -0.14
CA GLY A 6 -6.06 -1.01 0.35
C GLY A 6 -7.40 -1.07 1.07
N ILE A 7 -8.23 -0.05 0.86
CA ILE A 7 -9.55 0.06 1.45
C ILE A 7 -10.53 0.55 0.40
N LYS A 8 -11.81 0.57 0.72
CA LYS A 8 -12.84 1.05 -0.21
C LYS A 8 -12.92 2.57 -0.30
N ALA A 9 -12.99 3.23 0.86
CA ALA A 9 -13.34 4.65 0.93
C ALA A 9 -12.07 5.49 0.88
N CYS A 10 -11.48 5.52 -0.31
CA CYS A 10 -10.25 6.22 -0.57
C CYS A 10 -10.28 6.69 -2.01
N ASP A 11 -10.13 7.98 -2.25
CA ASP A 11 -10.18 8.46 -3.63
C ASP A 11 -9.08 7.86 -4.50
N THR A 12 -7.89 7.63 -3.96
CA THR A 12 -6.82 7.02 -4.76
C THR A 12 -7.21 5.60 -5.16
N MSE A 13 -7.79 4.84 -4.22
CA MSE A 13 -8.28 3.51 -4.54
C MSE A 13 -9.35 3.56 -5.62
O MSE A 13 -9.36 2.73 -6.54
CB MSE A 13 -8.86 2.83 -3.30
CG MSE A 13 -7.84 2.54 -2.24
SE MSE A 13 -6.53 1.20 -2.79
CE MSE A 13 -7.75 -0.30 -3.02
H MSE A 13 -7.91 5.08 -3.39
HA MSE A 13 -7.54 2.96 -4.86
HB2 MSE A 13 -9.27 2.00 -3.56
HB3 MSE A 13 -9.53 3.42 -2.91
HG2 MSE A 13 -8.30 2.21 -1.45
HG3 MSE A 13 -7.37 3.36 -2.02
HE1 MSE A 13 -8.21 -0.45 -2.19
HE2 MSE A 13 -7.24 -1.07 -3.26
HE3 MSE A 13 -8.37 -0.08 -3.72
N LYS A 14 -10.26 4.53 -5.52
CA LYS A 14 -11.34 4.62 -6.51
C LYS A 14 -10.75 4.87 -7.91
N LYS A 15 -9.76 5.75 -7.97
CA LYS A 15 -9.13 6.07 -9.23
C LYS A 15 -8.45 4.83 -9.82
N ALA A 16 -7.67 4.15 -9.00
CA ALA A 16 -6.92 2.98 -9.45
C ALA A 16 -7.85 1.87 -9.88
N ARG A 17 -8.92 1.62 -9.11
CA ARG A 17 -9.86 0.59 -9.50
C ARG A 17 -10.61 0.95 -10.76
N THR A 18 -10.93 2.22 -10.96
CA THR A 18 -11.53 2.62 -12.22
C THR A 18 -10.59 2.31 -13.38
N TRP A 19 -9.31 2.62 -13.24
CA TRP A 19 -8.33 2.29 -14.27
C TRP A 19 -8.33 0.77 -14.54
N LEU A 20 -8.18 -0.02 -13.49
CA LEU A 20 -8.11 -1.47 -13.65
C LEU A 20 -9.39 -2.04 -14.27
N ASP A 21 -10.53 -1.63 -13.73
CA ASP A 21 -11.81 -2.14 -14.15
C ASP A 21 -12.06 -1.79 -15.62
N GLU A 22 -11.72 -0.57 -16.02
CA GLU A 22 -11.95 -0.15 -17.39
C GLU A 22 -11.02 -0.86 -18.36
N HIS A 23 -9.83 -1.24 -17.91
CA HIS A 23 -8.92 -2.02 -18.72
C HIS A 23 -9.20 -3.53 -18.63
N LYS A 24 -10.26 -3.92 -17.93
CA LYS A 24 -10.73 -5.32 -17.85
C LYS A 24 -9.69 -6.22 -17.22
N VAL A 25 -8.96 -5.69 -16.25
CA VAL A 25 -7.97 -6.46 -15.52
C VAL A 25 -8.69 -7.20 -14.39
N ALA A 26 -8.48 -8.51 -14.29
CA ALA A 26 -9.03 -9.27 -13.17
C ALA A 26 -8.08 -9.14 -12.00
N TYR A 27 -8.60 -8.85 -10.82
CA TYR A 27 -7.74 -8.76 -9.64
C TYR A 27 -8.58 -9.10 -8.42
N ASP A 28 -7.89 -9.61 -7.42
CA ASP A 28 -8.46 -9.77 -6.08
C ASP A 28 -8.23 -8.48 -5.31
N PHE A 29 -9.13 -8.17 -4.39
CA PHE A 29 -9.05 -7.00 -3.54
C PHE A 29 -8.84 -7.44 -2.10
N HIS A 30 -7.70 -7.05 -1.55
CA HIS A 30 -7.34 -7.31 -0.15
C HIS A 30 -7.61 -6.03 0.63
N ASP A 31 -8.69 -6.06 1.41
CA ASP A 31 -9.27 -4.88 2.08
C ASP A 31 -8.81 -4.88 3.53
N TYR A 32 -7.99 -3.91 3.92
CA TYR A 32 -7.48 -3.88 5.30
C TYR A 32 -8.59 -3.84 6.33
N LYS A 33 -9.73 -3.22 6.04
CA LYS A 33 -10.84 -3.16 6.99
C LYS A 33 -11.60 -4.48 7.11
N ALA A 34 -11.35 -5.42 6.20
CA ALA A 34 -11.96 -6.74 6.22
C ALA A 34 -11.02 -7.83 6.73
N VAL A 35 -9.71 -7.74 6.43
CA VAL A 35 -8.79 -8.83 6.70
C VAL A 35 -7.45 -8.40 7.32
N GLY A 36 -7.25 -7.12 7.58
CA GLY A 36 -5.99 -6.68 8.17
C GLY A 36 -4.83 -6.85 7.21
N ILE A 37 -3.63 -7.02 7.76
CA ILE A 37 -2.38 -7.25 6.98
C ILE A 37 -1.40 -7.92 7.94
N ASP A 38 -0.34 -8.50 7.38
CA ASP A 38 0.64 -9.17 8.20
C ASP A 38 2.06 -8.72 7.86
N ARG A 39 3.02 -9.13 8.68
CA ARG A 39 4.39 -8.71 8.53
C ARG A 39 5.01 -9.28 7.27
N GLU A 40 4.59 -10.46 6.83
CA GLU A 40 5.19 -11.04 5.67
C GLU A 40 5.01 -10.14 4.45
N HIS A 41 3.82 -9.60 4.27
CA HIS A 41 3.56 -8.66 3.18
C HIS A 41 4.40 -7.41 3.33
N LEU A 42 4.36 -6.81 4.52
CA LEU A 42 5.04 -5.56 4.74
C LEU A 42 6.55 -5.69 4.52
N ARG A 43 7.14 -6.78 4.95
CA ARG A 43 8.57 -7.00 4.73
C ARG A 43 8.90 -7.07 3.25
N ARG A 44 8.08 -7.78 2.48
CA ARG A 44 8.33 -7.89 1.05
C ARG A 44 8.20 -6.53 0.35
N TRP A 45 7.16 -5.78 0.69
CA TRP A 45 6.96 -4.50 0.02
C TRP A 45 8.09 -3.53 0.37
N CYS A 46 8.48 -3.51 1.64
CA CYS A 46 9.57 -2.63 2.03
C CYS A 46 10.91 -3.05 1.41
N ALA A 47 11.14 -4.35 1.26
CA ALA A 47 12.36 -4.81 0.61
C ALA A 47 12.47 -4.29 -0.82
N GLU A 48 11.33 -4.23 -1.52
CA GLU A 48 11.30 -3.87 -2.90
C GLU A 48 11.29 -2.36 -3.14
N HIS A 49 10.69 -1.60 -2.22
CA HIS A 49 10.40 -0.19 -2.45
C HIS A 49 10.97 0.77 -1.44
N GLY A 50 11.32 0.28 -0.25
CA GLY A 50 11.81 1.11 0.83
C GLY A 50 10.68 1.52 1.75
N TRP A 51 10.95 1.50 3.06
CA TRP A 51 9.91 1.81 4.01
C TRP A 51 9.39 3.23 3.83
N GLN A 52 10.19 4.17 3.35
CA GLN A 52 9.65 5.52 3.16
C GLN A 52 8.64 5.58 2.02
N THR A 53 8.74 4.66 1.09
CA THR A 53 7.81 4.56 -0.02
C THR A 53 6.52 3.88 0.42
N VAL A 54 6.64 2.83 1.23
CA VAL A 54 5.47 2.05 1.64
C VAL A 54 4.70 2.75 2.77
N LEU A 55 5.41 3.43 3.68
CA LEU A 55 4.77 4.13 4.79
C LEU A 55 4.29 5.50 4.33
N ASN A 56 3.02 5.79 4.58
CA ASN A 56 2.43 7.07 4.25
C ASN A 56 2.72 8.10 5.34
N ARG A 57 3.95 8.61 5.38
CA ARG A 57 4.33 9.57 6.40
C ARG A 57 3.56 10.90 6.27
N ALA A 58 3.10 11.24 5.07
CA ALA A 58 2.37 12.49 4.86
C ALA A 58 0.96 12.41 5.39
N GLY A 59 0.46 11.21 5.60
CA GLY A 59 -0.94 11.03 5.93
C GLY A 59 -1.29 11.32 7.38
N THR A 60 -2.59 11.45 7.61
CA THR A 60 -3.07 11.87 8.90
C THR A 60 -2.73 10.88 9.99
N THR A 61 -2.80 9.60 9.70
CA THR A 61 -2.59 8.59 10.73
C THR A 61 -1.16 8.68 11.27
N PHE A 62 -0.20 8.79 10.37
CA PHE A 62 1.18 8.98 10.84
C PHE A 62 1.34 10.30 11.59
N ARG A 63 0.75 11.37 11.08
CA ARG A 63 0.91 12.69 11.70
C ARG A 63 0.57 12.62 13.18
N LYS A 64 -0.43 11.80 13.50
CA LYS A 64 -0.98 11.73 14.86
C LYS A 64 -0.12 10.92 15.83
N LEU A 65 0.87 10.16 15.37
CA LEU A 65 1.67 9.34 16.28
C LEU A 65 2.40 10.18 17.31
N ASP A 66 2.76 9.55 18.43
CA ASP A 66 3.55 10.19 19.47
C ASP A 66 5.00 10.32 19.05
N GLU A 67 5.73 11.13 19.80
CA GLU A 67 7.10 11.45 19.47
C GLU A 67 7.99 10.22 19.39
N ALA A 68 7.89 9.37 20.40
CA ALA A 68 8.72 8.19 20.47
C ALA A 68 8.47 7.29 19.28
N GLN A 69 7.24 7.29 18.77
CA GLN A 69 6.86 6.39 17.69
C GLN A 69 7.43 6.83 16.35
N LYS A 70 7.71 8.12 16.21
CA LYS A 70 8.24 8.65 14.97
C LYS A 70 9.77 8.69 14.95
N ALA A 71 10.40 8.43 16.08
CA ALA A 71 11.85 8.62 16.22
C ALA A 71 12.71 7.53 15.56
N ASP A 72 13.79 7.96 14.91
CA ASP A 72 14.84 7.06 14.42
C ASP A 72 14.29 5.88 13.65
N LEU A 73 13.41 6.14 12.71
CA LEU A 73 12.79 5.07 11.97
C LEU A 73 13.76 4.36 11.03
N ASP A 74 13.49 3.09 10.86
CA ASP A 74 14.17 2.22 9.92
C ASP A 74 13.13 1.20 9.46
N GLU A 75 13.53 0.25 8.62
CA GLU A 75 12.56 -0.68 8.08
C GLU A 75 11.81 -1.45 9.19
N ALA A 76 12.54 -1.98 10.16
CA ALA A 76 11.91 -2.80 11.18
C ALA A 76 10.85 -2.01 11.93
N LYS A 77 11.20 -0.79 12.33
CA LYS A 77 10.28 0.02 13.09
C LYS A 77 9.06 0.44 12.27
N ALA A 78 9.27 0.79 11.02
CA ALA A 78 8.18 1.18 10.14
C ALA A 78 7.19 0.03 9.96
N ILE A 79 7.72 -1.18 9.80
CA ILE A 79 6.86 -2.33 9.65
C ILE A 79 5.97 -2.53 10.88
N GLU A 80 6.53 -2.37 12.08
CA GLU A 80 5.69 -2.51 13.26
C GLU A 80 4.57 -1.48 13.31
N LEU A 81 4.85 -0.25 12.90
CA LEU A 81 3.81 0.78 12.88
C LEU A 81 2.68 0.42 11.92
N MSE A 82 3.04 0.00 10.72
CA MSE A 82 2.05 -0.36 9.70
C MSE A 82 1.26 -1.61 10.04
O MSE A 82 0.08 -1.72 9.67
CB MSE A 82 2.72 -0.52 8.35
CG MSE A 82 3.25 0.80 7.82
SE MSE A 82 4.00 0.69 5.99
CE MSE A 82 5.69 -0.18 6.44
H MSE A 82 3.86 -0.10 10.46
HA MSE A 82 1.42 0.39 9.63
HB2 MSE A 82 2.08 -0.86 7.71
HB3 MSE A 82 3.47 -1.12 8.43
HG2 MSE A 82 3.95 1.12 8.42
HG3 MSE A 82 2.52 1.45 7.81
HE1 MSE A 82 6.18 0.37 7.06
HE2 MSE A 82 6.20 -0.30 5.63
HE3 MSE A 82 5.51 -1.03 6.84
N LEU A 83 1.90 -2.55 10.73
CA LEU A 83 1.26 -3.79 11.10
C LEU A 83 0.08 -3.50 12.02
N ALA A 84 0.29 -2.65 13.02
CA ALA A 84 -0.76 -2.36 13.97
C ALA A 84 -1.82 -1.43 13.38
N GLN A 85 -1.40 -0.56 12.46
CA GLN A 85 -2.28 0.48 11.91
C GLN A 85 -2.14 0.52 10.39
N PRO A 86 -2.84 -0.39 9.69
CA PRO A 86 -2.76 -0.43 8.23
C PRO A 86 -3.19 0.84 7.52
N SER A 87 -3.91 1.75 8.17
CA SER A 87 -4.22 3.05 7.59
C SER A 87 -2.98 3.79 7.14
N MSE A 88 -1.83 3.53 7.76
CA MSE A 88 -0.55 4.18 7.44
CA MSE A 88 -0.69 4.32 7.31
C MSE A 88 0.13 3.64 6.22
O MSE A 88 1.18 4.16 5.85
CB MSE A 88 0.41 4.07 8.64
CB MSE A 88 0.16 4.80 8.47
CG MSE A 88 -0.08 4.95 9.76
CG MSE A 88 0.87 3.69 9.15
SE MSE A 88 1.27 5.43 11.03
SE MSE A 88 1.88 4.35 10.67
CE MSE A 88 2.51 4.11 10.36
CE MSE A 88 0.73 4.21 12.02
H MSE A 88 -1.72 2.96 8.38
HA MSE A 88 -0.73 5.13 7.29
HA MSE A 88 -1.06 5.13 6.91
HB2 MSE A 88 1.29 4.36 8.37
HB2 MSE A 88 -0.41 5.23 9.13
HB3 MSE A 88 0.43 3.15 8.95
HB3 MSE A 88 0.82 5.42 8.14
HG2 MSE A 88 -0.78 4.50 10.24
HG2 MSE A 88 1.49 3.27 8.53
HG3 MSE A 88 -0.42 5.78 9.38
HG3 MSE A 88 0.23 3.04 9.47
HE1 MSE A 88 2.17 3.23 10.55
HE1 MSE A 88 -0.07 4.69 11.80
HE2 MSE A 88 3.36 4.23 10.79
HE2 MSE A 88 1.13 4.57 12.81
HE3 MSE A 88 2.60 4.22 9.41
HE3 MSE A 88 0.52 3.28 12.16
N ILE A 89 -0.36 2.56 5.62
CA ILE A 89 0.25 2.00 4.42
C ILE A 89 -0.19 2.82 3.20
N LYS A 90 0.76 3.22 2.35
CA LYS A 90 0.42 3.92 1.13
C LYS A 90 -0.50 3.04 0.28
N ARG A 91 -1.44 3.69 -0.39
CA ARG A 91 -2.44 3.00 -1.22
C ARG A 91 -2.28 3.42 -2.69
N PRO A 92 -2.75 2.56 -3.59
CA PRO A 92 -2.78 1.12 -3.41
C PRO A 92 -1.43 0.48 -3.31
N VAL A 93 -1.40 -0.81 -3.01
CA VAL A 93 -0.31 -1.68 -3.44
C VAL A 93 -0.91 -2.65 -4.44
N LEU A 94 -0.25 -2.85 -5.57
CA LEU A 94 -0.73 -3.76 -6.61
C LEU A 94 0.34 -4.79 -6.85
N GLU A 95 0.02 -6.06 -6.58
CA GLU A 95 0.92 -7.19 -6.80
C GLU A 95 0.70 -7.73 -8.20
N LEU A 96 1.78 -7.75 -8.97
CA LEU A 96 1.76 -8.12 -10.37
C LEU A 96 2.35 -9.51 -10.64
N GLY A 97 2.88 -10.14 -9.61
CA GLY A 97 3.54 -11.42 -9.77
C GLY A 97 4.97 -11.33 -9.28
N GLY A 98 5.87 -10.86 -10.13
CA GLY A 98 7.25 -10.72 -9.71
C GLY A 98 7.55 -9.40 -9.00
N ARG A 99 6.60 -8.49 -8.96
CA ARG A 99 6.85 -7.17 -8.43
C ARG A 99 5.56 -6.46 -8.10
N THR A 100 5.70 -5.28 -7.49
CA THR A 100 4.55 -4.54 -7.03
C THR A 100 4.65 -3.07 -7.43
N LEU A 101 3.49 -2.43 -7.52
CA LEU A 101 3.40 -0.99 -7.68
C LEU A 101 2.80 -0.40 -6.40
N VAL A 102 3.38 0.68 -5.92
CA VAL A 102 2.90 1.40 -4.74
C VAL A 102 2.43 2.78 -5.19
N GLY A 103 1.21 3.12 -4.82
CA GLY A 103 0.57 4.33 -5.31
C GLY A 103 0.02 4.11 -6.71
N PHE A 104 -0.70 5.10 -7.20
CA PHE A 104 -1.34 5.02 -8.50
C PHE A 104 -0.78 6.06 -9.44
N LYS A 105 0.08 5.61 -10.36
CA LYS A 105 0.57 6.40 -11.47
C LYS A 105 0.05 5.71 -12.73
N PRO A 106 -0.88 6.32 -13.44
CA PRO A 106 -1.49 5.66 -14.61
C PRO A 106 -0.45 5.14 -15.62
N ASP A 107 0.66 5.86 -15.80
CA ASP A 107 1.67 5.39 -16.75
C ASP A 107 2.31 4.08 -16.29
N ALA A 108 2.50 3.92 -14.98
CA ALA A 108 3.08 2.68 -14.46
C ALA A 108 2.07 1.54 -14.58
N TYR A 109 0.80 1.82 -14.31
CA TYR A 109 -0.24 0.82 -14.50
C TYR A 109 -0.26 0.41 -15.98
N ALA A 110 -0.22 1.38 -16.89
CA ALA A 110 -0.23 1.09 -18.32
C ALA A 110 0.98 0.25 -18.74
N ALA A 111 2.14 0.60 -18.22
CA ALA A 111 3.37 -0.12 -18.58
C ALA A 111 3.30 -1.57 -18.11
N ALA A 112 2.60 -1.81 -17.00
CA ALA A 112 2.52 -3.14 -16.44
C ALA A 112 1.42 -4.00 -17.06
N LEU A 113 0.33 -3.37 -17.47
CA LEU A 113 -0.90 -4.08 -17.74
C LEU A 113 -1.53 -3.80 -19.10
N ALA A 114 -1.06 -2.76 -19.79
CA ALA A 114 -1.57 -2.48 -21.13
C ALA A 114 -0.53 -2.89 -22.16
C1 IPA B . 10.92 -2.81 -12.83
C2 IPA B . 10.19 -1.55 -12.37
C3 IPA B . 9.78 -0.68 -13.56
O2 IPA B . 11.03 -0.80 -11.51
H11 IPA B . 11.90 -2.81 -12.42
H12 IPA B . 10.39 -3.66 -12.48
H13 IPA B . 10.97 -2.83 -13.88
H2 IPA B . 9.28 -1.85 -11.83
H31 IPA B . 10.21 0.28 -13.46
H32 IPA B . 8.72 -0.60 -13.58
H33 IPA B . 10.12 -1.12 -14.46
HO2 IPA B . 11.24 0.06 -11.67
#